data_4R12
#
_entry.id   4R12
#
_cell.length_a   65.584
_cell.length_b   65.584
_cell.length_c   344.475
_cell.angle_alpha   90.00
_cell.angle_beta   90.00
_cell.angle_gamma   90.00
#
_symmetry.space_group_name_H-M   'P 41 21 2'
#
loop_
_entity.id
_entity.type
_entity.pdbx_description
1 polymer 'Putative uncharacterized protein'
2 branched 2-acetamido-2-deoxy-beta-D-glucopyranose-(1-4)-2-acetamido-2-deoxy-beta-D-glucopyranose
3 branched beta-D-mannopyranose-(1-4)-2-acetamido-2-deoxy-beta-D-glucopyranose-(1-4)-2-acetamido-2-deoxy-beta-D-glucopyranose
4 non-polymer 2-acetamido-2-deoxy-beta-D-glucopyranose
5 non-polymer 'CALCIUM ION'
6 water water
#
_entity_poly.entity_id   1
_entity_poly.type   'polypeptide(L)'
_entity_poly.pdbx_seq_one_letter_code
;NSEPSAPATISDNIYTTLYSSYPCTKIMTSDGQFGCSSKHGGNSGILYLIDDDESYNNYFSYSQQKDIIVVLDTNYFNST
SVLNLHNKSKIEGIIVLTDTKKTYPYSPDSRYPNKIYGLYPNSNLEWNPNADGFTYFSFPFPIFAIDNQTSVAIRNVSKH
NRDGQYPAWGAELDSFMQGAINSETCLRRGFCEPVGGQSIWSSFSSKIDKEKEIILVMLPFDTTAFFRDLSIGADQSSFA
TVTLLSVIKSLAAVDRSSWNKEVVFAFWNAERWGYVGSEYFINDLLNFQCKTYNSDKSKCIDPPRADLAFQTQINFTKIS
TIIELNQIGRAQLDKNLGKYSLYLHTAGTKTSSVTDILDQVASSYENSTITFKPTTQTELPPSSSMSFLKKTNKIPVVVI
TDHDYKYSNPYYGYEQDDNENVLGSTLNDIVYILSTFIDRIAGGNNNITIDKNFINILYPCFTSSITCFNILMKTYPLNE
VPNFYSSVFGTSLTTTLSPYETKLIHRLLYSITQYNSTLTNCTSDNDCPSSLCYSGQCVSSNTHLHNALSLGFDFDTSKN
VWKIVNSSYPIFTESNWDYTALKVFKIGNSTTE
;
_entity_poly.pdbx_strand_id   A
#
# COMPACT_ATOMS: atom_id res chain seq x y z
N TYR A 15 -4.90 -23.32 23.97
CA TYR A 15 -5.13 -23.30 25.41
C TYR A 15 -4.55 -22.02 26.03
N THR A 16 -3.87 -21.24 25.20
CA THR A 16 -3.44 -19.88 25.52
C THR A 16 -3.33 -19.16 24.18
N THR A 17 -4.36 -18.40 23.82
CA THR A 17 -4.41 -17.80 22.49
C THR A 17 -3.65 -16.48 22.41
N LEU A 18 -2.72 -16.40 21.48
CA LEU A 18 -1.95 -15.19 21.28
C LEU A 18 -2.61 -14.38 20.17
N TYR A 19 -3.16 -13.23 20.55
CA TYR A 19 -4.13 -12.53 19.70
C TYR A 19 -3.47 -11.63 18.69
N SER A 20 -2.36 -11.02 19.07
CA SER A 20 -1.63 -10.20 18.14
C SER A 20 -0.71 -11.07 17.32
N SER A 21 -1.31 -11.83 16.41
CA SER A 21 -0.58 -12.66 15.44
C SER A 21 -0.89 -12.24 14.01
N TYR A 22 0.10 -12.39 13.13
CA TYR A 22 0.02 -11.87 11.78
C TYR A 22 0.36 -12.96 10.78
N PRO A 23 -0.66 -13.55 10.16
CA PRO A 23 -0.47 -14.73 9.32
C PRO A 23 0.07 -14.41 7.92
N CYS A 24 0.82 -15.36 7.38
CA CYS A 24 1.08 -15.44 5.95
C CYS A 24 -0.16 -16.05 5.29
N THR A 25 -0.69 -15.40 4.26
CA THR A 25 -1.93 -15.88 3.64
C THR A 25 -1.64 -16.35 2.22
N LYS A 26 -2.63 -16.99 1.59
CA LYS A 26 -2.43 -17.55 0.24
C LYS A 26 -3.01 -16.64 -0.84
N ILE A 27 -2.19 -16.38 -1.86
CA ILE A 27 -2.63 -15.59 -3.01
C ILE A 27 -2.49 -16.44 -4.27
N MET A 28 -3.55 -16.52 -5.07
CA MET A 28 -3.48 -17.27 -6.32
C MET A 28 -3.23 -16.33 -7.50
N THR A 29 -2.56 -16.86 -8.52
CA THR A 29 -2.34 -16.14 -9.77
C THR A 29 -2.87 -16.97 -10.93
N SER A 30 -2.70 -16.49 -12.16
CA SER A 30 -3.07 -17.27 -13.35
C SER A 30 -2.41 -18.64 -13.37
N ASP A 31 -1.12 -18.68 -13.09
CA ASP A 31 -0.32 -19.90 -13.26
C ASP A 31 -0.01 -20.68 -11.99
N GLY A 32 -0.42 -20.19 -10.82
CA GLY A 32 -0.02 -20.82 -9.59
C GLY A 32 -0.47 -20.10 -8.32
N GLN A 33 0.38 -20.16 -7.30
CA GLN A 33 -0.01 -19.68 -6.00
C GLN A 33 1.25 -19.34 -5.23
N PHE A 34 1.11 -18.44 -4.25
CA PHE A 34 2.20 -18.17 -3.34
C PHE A 34 1.66 -17.82 -1.97
N GLY A 35 2.53 -17.73 -0.99
CA GLY A 35 2.08 -17.56 0.38
C GLY A 35 1.81 -18.90 1.03
N CYS A 36 1.06 -18.87 2.13
CA CYS A 36 1.01 -20.00 3.04
C CYS A 36 -0.42 -20.38 3.41
N SER A 37 -0.54 -21.60 3.95
CA SER A 37 -1.79 -22.05 4.53
C SER A 37 -1.48 -23.11 5.57
N SER A 38 -2.32 -23.21 6.58
CA SER A 38 -2.27 -24.38 7.44
C SER A 38 -3.04 -25.52 6.77
N LYS A 39 -2.83 -26.73 7.25
CA LYS A 39 -3.68 -27.83 6.84
C LYS A 39 -5.07 -27.59 7.41
N HIS A 40 -6.04 -28.30 6.86
CA HIS A 40 -7.38 -28.30 7.42
C HIS A 40 -7.29 -28.78 8.87
N GLY A 41 -7.78 -27.97 9.81
CA GLY A 41 -7.71 -28.33 11.22
C GLY A 41 -6.46 -27.79 11.92
N GLY A 42 -5.63 -27.05 11.20
CA GLY A 42 -4.48 -26.40 11.78
C GLY A 42 -3.22 -27.24 11.88
N ASN A 43 -2.11 -26.60 12.24
CA ASN A 43 -0.83 -27.28 12.38
C ASN A 43 -0.26 -27.09 13.77
N SER A 44 0.23 -28.16 14.35
CA SER A 44 0.78 -28.10 15.70
C SER A 44 2.10 -28.85 15.78
N GLY A 45 2.90 -28.55 16.80
CA GLY A 45 4.18 -29.20 16.97
C GLY A 45 4.97 -28.65 18.15
N ILE A 46 6.12 -29.26 18.40
CA ILE A 46 7.03 -28.80 19.45
C ILE A 46 7.76 -27.54 18.99
N LEU A 47 7.86 -26.54 19.87
CA LEU A 47 8.57 -25.31 19.54
C LEU A 47 10.09 -25.56 19.50
N TYR A 48 10.72 -25.19 18.40
CA TYR A 48 12.17 -25.29 18.28
C TYR A 48 12.73 -23.95 17.82
N LEU A 49 13.64 -23.37 18.62
CA LEU A 49 14.15 -22.02 18.36
C LEU A 49 15.45 -22.00 17.56
N ILE A 50 15.44 -21.28 16.45
CA ILE A 50 16.65 -20.97 15.73
C ILE A 50 16.97 -19.49 15.93
N ASP A 51 18.06 -19.21 16.66
CA ASP A 51 18.45 -17.83 16.96
C ASP A 51 19.97 -17.63 16.79
N ASP A 52 20.65 -18.67 16.34
CA ASP A 52 22.07 -18.59 16.02
C ASP A 52 22.47 -19.73 15.09
N ASP A 53 23.70 -19.66 14.57
CA ASP A 53 24.19 -20.66 13.63
C ASP A 53 24.16 -22.04 14.26
N GLU A 54 24.39 -22.09 15.57
CA GLU A 54 24.42 -23.35 16.29
C GLU A 54 23.07 -24.04 16.25
N SER A 55 22.02 -23.33 16.66
CA SER A 55 20.68 -23.91 16.69
C SER A 55 20.19 -24.15 15.28
N TYR A 56 20.65 -23.33 14.34
CA TYR A 56 20.33 -23.55 12.93
C TYR A 56 20.86 -24.93 12.48
N ASN A 57 22.15 -25.15 12.64
CA ASN A 57 22.78 -26.41 12.25
C ASN A 57 22.24 -27.61 13.03
N ASN A 58 21.90 -27.42 14.30
CA ASN A 58 21.38 -28.51 15.11
C ASN A 58 19.94 -28.87 14.78
N TYR A 59 19.35 -28.17 13.81
CA TYR A 59 18.02 -28.50 13.36
C TYR A 59 18.04 -29.76 12.49
N PHE A 60 19.07 -29.90 11.66
CA PHE A 60 19.15 -30.98 10.70
C PHE A 60 19.29 -32.34 11.37
N SER A 61 19.73 -32.35 12.63
CA SER A 61 19.99 -33.58 13.34
C SER A 61 19.09 -33.74 14.56
N TYR A 62 17.95 -33.05 14.54
CA TYR A 62 17.03 -33.04 15.67
C TYR A 62 15.80 -33.89 15.39
N SER A 63 15.67 -35.01 16.09
CA SER A 63 14.53 -35.91 15.87
C SER A 63 13.87 -36.39 17.16
N GLN A 64 13.88 -35.54 18.18
CA GLN A 64 13.18 -35.83 19.44
C GLN A 64 11.67 -35.90 19.21
N GLN A 65 11.24 -35.35 18.09
CA GLN A 65 9.84 -35.23 17.78
C GLN A 65 9.59 -35.25 16.27
N LYS A 66 8.43 -35.77 15.86
CA LYS A 66 8.00 -35.63 14.49
C LYS A 66 7.61 -34.17 14.21
N ASP A 67 6.51 -33.72 14.80
CA ASP A 67 5.94 -32.43 14.44
C ASP A 67 6.66 -31.25 15.11
N ILE A 68 7.23 -30.37 14.29
CA ILE A 68 8.00 -29.24 14.82
C ILE A 68 7.48 -27.89 14.31
N ILE A 69 7.23 -26.96 15.24
CA ILE A 69 7.02 -25.54 14.92
C ILE A 69 8.31 -24.77 15.15
N VAL A 70 8.95 -24.36 14.06
CA VAL A 70 10.21 -23.61 14.15
C VAL A 70 9.95 -22.15 14.53
N VAL A 71 10.65 -21.69 15.57
CA VAL A 71 10.61 -20.30 15.97
C VAL A 71 11.87 -19.61 15.47
N LEU A 72 11.71 -18.58 14.66
CA LEU A 72 12.85 -17.92 14.03
C LEU A 72 13.12 -16.53 14.57
N ASP A 73 14.34 -16.32 15.06
CA ASP A 73 14.86 -14.97 15.18
C ASP A 73 14.85 -14.42 13.77
N THR A 74 14.48 -13.16 13.60
CA THR A 74 14.22 -12.70 12.25
C THR A 74 15.48 -12.66 11.37
N ASN A 75 16.66 -12.67 11.97
CA ASN A 75 17.88 -12.75 11.16
C ASN A 75 17.95 -14.04 10.36
N TYR A 76 17.18 -15.04 10.79
CA TYR A 76 17.14 -16.33 10.10
C TYR A 76 15.90 -16.53 9.25
N PHE A 77 15.09 -15.48 9.12
CA PHE A 77 13.90 -15.53 8.25
C PHE A 77 14.15 -14.90 6.88
N ASN A 78 14.62 -15.71 5.96
CA ASN A 78 14.88 -15.34 4.57
C ASN A 78 14.83 -16.61 3.68
N SER A 79 14.74 -16.48 2.37
CA SER A 79 14.55 -17.64 1.49
C SER A 79 15.61 -18.71 1.71
N THR A 80 16.87 -18.31 1.65
CA THR A 80 17.97 -19.27 1.71
C THR A 80 17.95 -20.08 2.99
N SER A 81 17.74 -19.37 4.09
CA SER A 81 17.79 -19.95 5.42
C SER A 81 16.60 -20.87 5.70
N VAL A 82 15.41 -20.45 5.27
CA VAL A 82 14.21 -21.25 5.53
C VAL A 82 14.11 -22.43 4.56
N LEU A 83 14.44 -22.22 3.29
CA LEU A 83 14.30 -23.28 2.31
C LEU A 83 15.28 -24.42 2.56
N ASN A 84 16.36 -24.15 3.29
CA ASN A 84 17.36 -25.17 3.62
C ASN A 84 16.97 -26.06 4.79
N LEU A 85 15.91 -25.68 5.49
CA LEU A 85 15.43 -26.48 6.60
C LEU A 85 14.80 -27.75 6.08
N HIS A 86 15.63 -28.69 5.62
CA HIS A 86 15.18 -30.03 5.29
C HIS A 86 15.38 -30.95 6.50
N ASN A 87 14.36 -31.65 6.94
CA ASN A 87 14.45 -32.50 8.12
C ASN A 87 13.69 -33.81 7.96
N LYS A 88 14.09 -34.84 8.67
CA LYS A 88 13.41 -36.13 8.59
C LYS A 88 12.11 -36.02 9.36
N SER A 89 12.14 -35.18 10.37
CA SER A 89 10.95 -34.71 10.99
C SER A 89 10.38 -33.79 9.95
N LYS A 90 9.12 -33.47 10.06
CA LYS A 90 8.51 -32.60 9.09
C LYS A 90 8.18 -31.33 9.80
N ILE A 91 8.46 -30.22 9.14
CA ILE A 91 8.21 -28.91 9.70
C ILE A 91 6.74 -28.62 9.57
N GLU A 92 6.11 -28.25 10.64
CA GLU A 92 4.65 -28.07 10.64
C GLU A 92 4.24 -26.60 10.65
N GLY A 93 5.20 -25.72 10.84
CA GLY A 93 4.87 -24.32 10.85
C GLY A 93 6.06 -23.49 11.29
N ILE A 94 5.97 -22.19 11.08
CA ILE A 94 7.03 -21.27 11.50
C ILE A 94 6.41 -20.08 12.23
N ILE A 95 7.06 -19.68 13.32
CA ILE A 95 6.73 -18.43 14.00
C ILE A 95 7.91 -17.49 13.87
N VAL A 96 7.66 -16.30 13.35
CA VAL A 96 8.72 -15.31 13.18
C VAL A 96 8.62 -14.27 14.28
N LEU A 97 9.72 -14.11 15.01
CA LEU A 97 9.79 -13.18 16.14
C LEU A 97 10.04 -11.76 15.66
N THR A 98 9.40 -10.79 16.29
CA THR A 98 9.61 -9.39 15.93
C THR A 98 10.10 -8.56 17.12
N ASP A 99 10.63 -9.22 18.16
CA ASP A 99 11.18 -8.48 19.30
C ASP A 99 12.57 -7.91 18.98
N THR A 100 13.20 -8.45 17.94
CA THR A 100 14.41 -7.88 17.35
C THR A 100 14.19 -7.65 15.85
N LYS A 101 15.00 -6.79 15.26
CA LYS A 101 14.94 -6.47 13.83
C LYS A 101 16.05 -7.18 13.08
N LYS A 102 15.98 -7.19 11.75
CA LYS A 102 17.11 -7.72 10.99
C LYS A 102 18.28 -6.76 11.06
N THR A 103 19.49 -7.28 11.14
CA THR A 103 20.68 -6.45 11.17
C THR A 103 21.27 -6.23 9.78
N TYR A 104 20.53 -6.61 8.75
CA TYR A 104 20.98 -6.44 7.38
C TYR A 104 19.84 -6.00 6.48
N PRO A 105 20.15 -5.41 5.31
CA PRO A 105 19.06 -5.02 4.41
C PRO A 105 18.35 -6.25 3.85
N TYR A 106 17.04 -6.17 3.67
CA TYR A 106 16.30 -7.34 3.24
C TYR A 106 14.99 -7.00 2.53
N SER A 107 14.78 -7.58 1.35
CA SER A 107 13.49 -7.48 0.66
C SER A 107 13.04 -8.84 0.14
N PRO A 108 11.86 -9.29 0.59
CA PRO A 108 11.22 -10.52 0.12
C PRO A 108 10.45 -10.28 -1.17
N ASP A 109 10.56 -9.10 -1.74
CA ASP A 109 9.78 -8.77 -2.92
C ASP A 109 10.56 -9.06 -4.20
N SER A 110 10.07 -8.54 -5.33
CA SER A 110 10.70 -8.75 -6.64
C SER A 110 11.89 -7.82 -6.90
N ARG A 111 12.82 -8.27 -7.75
CA ARG A 111 13.96 -7.43 -8.17
C ARG A 111 13.51 -6.24 -9.02
N TYR A 112 12.36 -6.41 -9.69
CA TYR A 112 11.75 -5.33 -10.46
C TYR A 112 10.24 -5.46 -10.26
N PRO A 113 9.71 -4.81 -9.21
CA PRO A 113 8.27 -4.90 -8.91
C PRO A 113 7.40 -4.48 -10.09
N ASN A 114 6.41 -5.29 -10.42
CA ASN A 114 5.44 -5.00 -11.46
C ASN A 114 6.02 -4.87 -12.85
N LYS A 115 7.22 -5.44 -13.07
CA LYS A 115 7.95 -5.26 -14.32
C LYS A 115 7.07 -5.43 -15.56
N ILE A 116 6.35 -6.54 -15.62
CA ILE A 116 5.65 -6.88 -16.86
C ILE A 116 4.38 -6.07 -17.06
N TYR A 117 3.90 -5.40 -16.02
CA TYR A 117 2.70 -4.58 -16.14
C TYR A 117 3.01 -3.09 -16.37
N GLY A 118 4.29 -2.76 -16.47
CA GLY A 118 4.68 -1.37 -16.68
C GLY A 118 5.13 -1.07 -18.09
N LEU A 119 5.83 0.06 -18.27
CA LEU A 119 6.30 0.49 -19.57
C LEU A 119 7.38 -0.37 -20.20
N TYR A 120 8.14 -1.08 -19.38
CA TYR A 120 9.29 -1.81 -19.88
C TYR A 120 9.25 -3.30 -19.51
N PRO A 121 8.33 -4.05 -20.13
CA PRO A 121 8.22 -5.49 -19.83
C PRO A 121 9.52 -6.27 -20.11
N ASN A 122 10.32 -5.83 -21.07
CA ASN A 122 11.56 -6.53 -21.39
C ASN A 122 12.77 -5.92 -20.72
N SER A 123 12.57 -5.10 -19.70
CA SER A 123 13.70 -4.42 -19.06
C SER A 123 14.68 -5.40 -18.44
N ASN A 124 15.96 -5.04 -18.49
CA ASN A 124 17.00 -5.81 -17.80
C ASN A 124 17.44 -5.15 -16.51
N LEU A 125 16.81 -4.03 -16.15
CA LEU A 125 17.16 -3.33 -14.93
C LEU A 125 16.64 -4.09 -13.71
N GLU A 126 17.32 -3.92 -12.59
CA GLU A 126 16.86 -4.41 -11.31
C GLU A 126 16.84 -3.25 -10.34
N TRP A 127 15.65 -2.69 -10.11
CA TRP A 127 15.47 -1.52 -9.26
C TRP A 127 15.62 -1.86 -7.77
N ASN A 128 15.34 -3.12 -7.44
CA ASN A 128 15.39 -3.63 -6.07
C ASN A 128 16.32 -4.86 -6.03
N PRO A 129 17.62 -4.65 -6.32
CA PRO A 129 18.50 -5.79 -6.66
C PRO A 129 18.82 -6.71 -5.46
N ASN A 130 18.64 -6.22 -4.24
CA ASN A 130 18.94 -7.02 -3.05
C ASN A 130 17.86 -8.07 -2.73
N ALA A 131 16.73 -7.99 -3.43
CA ALA A 131 15.56 -8.79 -3.13
C ALA A 131 15.79 -10.29 -3.30
N ASP A 132 15.18 -11.11 -2.44
CA ASP A 132 15.28 -12.55 -2.63
C ASP A 132 13.93 -13.19 -3.02
N GLY A 133 12.91 -12.36 -3.21
CA GLY A 133 11.64 -12.84 -3.72
C GLY A 133 10.91 -13.85 -2.84
N PHE A 134 11.30 -13.94 -1.59
CA PHE A 134 10.75 -14.88 -0.62
C PHE A 134 9.21 -14.87 -0.52
N THR A 135 8.60 -13.70 -0.72
CA THR A 135 7.14 -13.60 -0.64
C THR A 135 6.44 -14.49 -1.66
N TYR A 136 7.07 -14.66 -2.83
CA TYR A 136 6.43 -15.34 -3.95
C TYR A 136 6.73 -16.82 -4.03
N PHE A 137 6.92 -17.45 -2.88
CA PHE A 137 7.04 -18.91 -2.80
C PHE A 137 5.76 -19.50 -2.22
N SER A 138 5.49 -20.76 -2.56
CA SER A 138 4.29 -21.44 -2.08
C SER A 138 4.62 -22.37 -0.92
N PHE A 139 4.15 -22.00 0.27
CA PHE A 139 4.42 -22.75 1.49
C PHE A 139 3.24 -23.66 1.85
N PRO A 140 3.50 -24.96 2.07
CA PRO A 140 2.46 -25.92 2.48
C PRO A 140 2.21 -25.99 3.99
N PHE A 141 2.81 -25.07 4.73
CA PHE A 141 2.65 -25.00 6.18
C PHE A 141 2.43 -23.55 6.55
N PRO A 142 1.80 -23.28 7.70
CA PRO A 142 1.52 -21.88 8.04
C PRO A 142 2.75 -21.16 8.60
N ILE A 143 2.80 -19.86 8.34
CA ILE A 143 3.82 -19.00 8.92
C ILE A 143 3.13 -17.80 9.56
N PHE A 144 3.40 -17.58 10.85
CA PHE A 144 2.91 -16.40 11.55
C PHE A 144 4.05 -15.54 12.07
N ALA A 145 3.89 -14.22 11.97
CA ALA A 145 4.65 -13.32 12.81
C ALA A 145 3.82 -13.00 14.06
N ILE A 146 4.49 -12.53 15.11
CA ILE A 146 3.81 -12.17 16.35
C ILE A 146 4.39 -10.86 16.84
N ASP A 147 3.62 -10.13 17.66
CA ASP A 147 4.06 -8.79 18.07
C ASP A 147 5.23 -8.86 19.04
N ASN A 148 5.70 -7.69 19.47
CA ASN A 148 6.92 -7.60 20.28
C ASN A 148 6.82 -8.35 21.60
N GLN A 149 5.84 -7.97 22.39
CA GLN A 149 5.61 -8.58 23.69
C GLN A 149 5.47 -10.10 23.58
N THR A 150 4.64 -10.57 22.66
CA THR A 150 4.44 -12.00 22.49
C THR A 150 5.73 -12.69 22.04
N SER A 151 6.51 -12.02 21.19
CA SER A 151 7.77 -12.60 20.72
C SER A 151 8.72 -12.87 21.88
N VAL A 152 8.80 -11.89 22.79
CA VAL A 152 9.65 -12.05 23.97
C VAL A 152 9.29 -13.32 24.73
N ALA A 153 7.99 -13.53 24.94
CA ALA A 153 7.53 -14.67 25.71
C ALA A 153 7.77 -15.99 24.95
N ILE A 154 7.51 -15.99 23.65
CA ILE A 154 7.68 -17.19 22.84
C ILE A 154 9.16 -17.54 22.62
N ARG A 155 10.01 -16.51 22.55
CA ARG A 155 11.45 -16.73 22.48
C ARG A 155 11.92 -17.41 23.76
N ASN A 156 11.34 -17.03 24.87
CA ASN A 156 11.64 -17.59 26.16
C ASN A 156 11.33 -19.08 26.22
N VAL A 157 10.07 -19.45 26.03
CA VAL A 157 9.68 -20.84 26.12
C VAL A 157 10.28 -21.75 25.07
N SER A 158 10.42 -21.22 23.86
CA SER A 158 11.01 -21.97 22.76
C SER A 158 12.48 -22.29 23.04
N LYS A 159 13.11 -21.44 23.85
CA LYS A 159 14.49 -21.63 24.20
C LYS A 159 14.58 -22.61 25.34
N HIS A 160 13.59 -22.60 26.21
CA HIS A 160 13.54 -23.46 27.39
C HIS A 160 13.41 -24.93 27.00
N ASN A 161 12.89 -25.18 25.81
CA ASN A 161 12.77 -26.53 25.27
C ASN A 161 14.12 -27.21 25.00
N ARG A 162 15.18 -26.43 25.05
CA ARG A 162 16.45 -26.96 24.66
C ARG A 162 17.01 -27.90 25.67
N ASP A 163 16.44 -27.91 26.86
CA ASP A 163 16.94 -28.83 27.87
C ASP A 163 16.74 -30.22 27.31
N GLY A 164 15.50 -30.56 27.03
CA GLY A 164 15.23 -31.75 26.26
C GLY A 164 14.35 -32.71 27.00
N GLN A 165 13.79 -32.24 28.08
CA GLN A 165 12.94 -33.03 28.90
C GLN A 165 11.51 -32.67 28.55
N TYR A 166 10.54 -33.55 28.79
CA TYR A 166 9.29 -33.41 28.05
C TYR A 166 8.02 -33.00 28.83
N PRO A 167 8.11 -32.09 29.75
CA PRO A 167 6.91 -31.29 29.97
C PRO A 167 7.21 -30.01 29.20
N ALA A 168 7.33 -30.14 27.88
CA ALA A 168 7.86 -29.08 27.01
C ALA A 168 6.78 -28.22 26.34
N TRP A 169 7.22 -27.20 25.61
CA TRP A 169 6.32 -26.22 25.01
C TRP A 169 6.04 -26.45 23.53
N GLY A 170 4.78 -26.32 23.15
CA GLY A 170 4.37 -26.45 21.75
C GLY A 170 3.37 -25.39 21.36
N ALA A 171 3.00 -25.36 20.08
CA ALA A 171 2.01 -24.39 19.59
C ALA A 171 1.18 -24.95 18.47
N GLU A 172 0.00 -24.34 18.26
CA GLU A 172 -0.83 -24.66 17.11
C GLU A 172 -1.12 -23.40 16.31
N LEU A 173 -0.92 -23.50 15.00
CA LEU A 173 -1.20 -22.42 14.07
C LEU A 173 -2.40 -22.77 13.17
N ASP A 174 -3.47 -21.99 13.29
CA ASP A 174 -4.66 -22.13 12.45
C ASP A 174 -4.74 -21.01 11.43
N SER A 175 -4.62 -21.35 10.15
CA SER A 175 -4.79 -20.39 9.07
C SER A 175 -5.14 -21.14 7.80
N PHE A 176 -6.29 -21.80 7.79
CA PHE A 176 -6.70 -22.60 6.64
C PHE A 176 -7.22 -21.72 5.51
N MET A 177 -6.54 -21.80 4.37
CA MET A 177 -6.89 -21.03 3.19
C MET A 177 -7.74 -21.86 2.25
N GLN A 178 -8.98 -21.43 2.02
CA GLN A 178 -9.90 -22.20 1.19
C GLN A 178 -9.46 -22.22 -0.27
N GLY A 179 -8.90 -21.12 -0.74
CA GLY A 179 -8.47 -21.03 -2.12
C GLY A 179 -7.10 -21.64 -2.36
N ALA A 180 -6.94 -22.28 -3.51
CA ALA A 180 -5.72 -23.03 -3.77
C ALA A 180 -5.52 -23.23 -5.26
N ILE A 181 -4.32 -23.61 -5.63
CA ILE A 181 -3.96 -24.02 -6.96
C ILE A 181 -3.72 -22.91 -7.93
N ASN A 182 -4.76 -22.27 -8.37
CA ASN A 182 -4.63 -21.08 -9.21
C ASN A 182 -5.93 -20.27 -9.21
N SER A 183 -5.89 -19.10 -9.83
CA SER A 183 -7.04 -18.19 -9.75
C SER A 183 -8.28 -18.73 -10.45
N GLU A 184 -8.09 -19.36 -11.62
CA GLU A 184 -9.22 -19.94 -12.32
C GLU A 184 -9.99 -20.89 -11.40
N THR A 185 -9.23 -21.74 -10.71
CA THR A 185 -9.80 -22.75 -9.83
C THR A 185 -10.50 -22.18 -8.60
N CYS A 186 -9.83 -21.29 -7.86
CA CYS A 186 -10.43 -20.78 -6.65
C CYS A 186 -11.59 -19.85 -6.97
N LEU A 187 -11.51 -19.10 -8.07
CA LEU A 187 -12.64 -18.24 -8.43
C LEU A 187 -13.90 -19.07 -8.77
N ARG A 188 -13.71 -20.12 -9.56
CA ARG A 188 -14.83 -21.01 -9.93
C ARG A 188 -15.55 -21.56 -8.70
N ARG A 189 -14.79 -21.89 -7.66
CA ARG A 189 -15.37 -22.47 -6.45
C ARG A 189 -15.84 -21.42 -5.43
N GLY A 190 -15.53 -20.16 -5.70
CA GLY A 190 -15.90 -19.09 -4.80
C GLY A 190 -15.07 -19.08 -3.53
N PHE A 191 -13.81 -19.51 -3.65
CA PHE A 191 -12.90 -19.63 -2.52
C PHE A 191 -11.86 -18.52 -2.50
N CYS A 192 -12.01 -17.51 -3.34
CA CYS A 192 -11.07 -16.39 -3.37
C CYS A 192 -11.72 -15.15 -3.99
N GLU A 193 -11.05 -14.00 -3.86
CA GLU A 193 -11.54 -12.74 -4.42
C GLU A 193 -10.39 -11.97 -5.05
N PRO A 194 -10.68 -11.17 -6.09
CA PRO A 194 -9.65 -10.35 -6.73
C PRO A 194 -8.98 -9.41 -5.72
N VAL A 195 -7.66 -9.28 -5.84
CA VAL A 195 -6.94 -8.31 -5.03
C VAL A 195 -7.22 -6.95 -5.60
N GLY A 196 -7.78 -6.05 -4.79
CA GLY A 196 -8.13 -4.73 -5.27
C GLY A 196 -8.72 -3.88 -4.17
N GLY A 197 -9.36 -2.79 -4.56
CA GLY A 197 -9.98 -1.92 -3.56
C GLY A 197 -10.48 -0.64 -4.17
N GLN A 198 -10.42 0.43 -3.37
CA GLN A 198 -10.84 1.75 -3.82
C GLN A 198 -9.70 2.77 -3.79
N SER A 199 -9.53 3.49 -4.90
CA SER A 199 -8.66 4.66 -4.94
C SER A 199 -9.48 5.86 -4.50
N ILE A 200 -8.81 6.99 -4.25
CA ILE A 200 -9.50 8.21 -3.86
C ILE A 200 -8.90 9.41 -4.59
N TRP A 201 -9.75 10.26 -5.17
CA TRP A 201 -9.25 11.51 -5.77
C TRP A 201 -10.03 12.70 -5.27
N SER A 202 -9.46 13.89 -5.42
CA SER A 202 -10.01 15.07 -4.79
C SER A 202 -9.55 16.33 -5.48
N SER A 203 -10.42 17.33 -5.44
CA SER A 203 -10.10 18.68 -5.89
C SER A 203 -10.71 19.67 -4.89
N PHE A 204 -10.03 20.79 -4.64
CA PHE A 204 -10.59 21.86 -3.82
C PHE A 204 -11.76 22.57 -4.53
N SER A 205 -11.83 22.50 -5.86
CA SER A 205 -12.94 23.13 -6.59
C SER A 205 -14.20 22.32 -6.36
N SER A 206 -15.31 23.01 -6.11
CA SER A 206 -16.58 22.32 -5.87
C SER A 206 -17.02 21.62 -7.15
N LYS A 207 -16.68 22.21 -8.28
CA LYS A 207 -16.83 21.54 -9.55
C LYS A 207 -15.67 21.95 -10.44
N ILE A 208 -15.03 20.96 -11.07
CA ILE A 208 -13.89 21.25 -11.92
C ILE A 208 -14.34 22.01 -13.17
N ASP A 209 -13.64 23.11 -13.47
CA ASP A 209 -13.89 23.91 -14.66
C ASP A 209 -13.42 23.15 -15.89
N LYS A 210 -14.32 22.70 -16.75
CA LYS A 210 -13.87 21.82 -17.83
C LYS A 210 -13.10 22.57 -18.92
N GLU A 211 -12.92 23.88 -18.75
CA GLU A 211 -12.10 24.67 -19.68
C GLU A 211 -10.66 24.82 -19.20
N LYS A 212 -10.40 24.50 -17.94
CA LYS A 212 -9.06 24.65 -17.39
C LYS A 212 -8.24 23.38 -17.58
N GLU A 213 -6.92 23.53 -17.63
CA GLU A 213 -6.04 22.38 -17.61
C GLU A 213 -5.95 21.79 -16.20
N ILE A 214 -5.67 20.51 -16.11
CA ILE A 214 -5.57 19.84 -14.81
C ILE A 214 -4.13 19.46 -14.48
N ILE A 215 -3.69 19.85 -13.29
CA ILE A 215 -2.43 19.34 -12.73
C ILE A 215 -2.79 18.12 -11.88
N LEU A 216 -2.25 16.96 -12.23
CA LEU A 216 -2.52 15.75 -11.49
C LEU A 216 -1.34 15.45 -10.56
N VAL A 217 -1.62 15.43 -9.27
CA VAL A 217 -0.59 15.10 -8.28
C VAL A 217 -1.00 13.80 -7.59
N MET A 218 -0.18 12.77 -7.68
CA MET A 218 -0.65 11.44 -7.33
C MET A 218 0.42 10.59 -6.69
N LEU A 219 -0.02 9.47 -6.12
CA LEU A 219 0.89 8.49 -5.52
C LEU A 219 0.15 7.17 -5.36
N PRO A 220 0.91 6.08 -5.25
CA PRO A 220 0.35 4.79 -4.89
C PRO A 220 0.32 4.65 -3.37
N PHE A 221 -0.83 4.48 -2.74
CA PHE A 221 -0.81 4.42 -1.27
C PHE A 221 -0.81 2.99 -0.72
N ASP A 222 -1.08 1.99 -1.55
CA ASP A 222 -1.07 0.63 -1.04
C ASP A 222 0.36 0.10 -0.89
N THR A 223 0.53 -0.91 -0.04
CA THR A 223 1.83 -1.43 0.32
C THR A 223 1.88 -2.94 0.20
N THR A 224 3.06 -3.51 0.43
CA THR A 224 3.21 -4.97 0.42
C THR A 224 4.10 -5.43 1.56
N ALA A 225 4.01 -6.73 1.86
CA ALA A 225 4.83 -7.36 2.87
C ALA A 225 4.64 -8.87 2.78
N PHE A 226 5.55 -9.61 3.42
CA PHE A 226 5.39 -11.05 3.56
C PHE A 226 4.17 -11.26 4.47
N PHE A 227 4.16 -10.53 5.58
CA PHE A 227 3.04 -10.54 6.53
C PHE A 227 2.22 -9.27 6.32
N ARG A 228 1.13 -9.38 5.58
CA ARG A 228 0.46 -8.19 5.07
C ARG A 228 -0.27 -7.36 6.14
N ASP A 229 -0.52 -7.94 7.32
CA ASP A 229 -1.06 -7.15 8.42
C ASP A 229 0.00 -6.21 8.99
N LEU A 230 1.25 -6.39 8.58
CA LEU A 230 2.35 -5.57 9.05
C LEU A 230 2.88 -4.63 7.96
N SER A 231 2.08 -4.41 6.94
CA SER A 231 2.52 -3.68 5.75
C SER A 231 2.46 -2.15 5.91
N ILE A 232 3.25 -1.63 6.86
CA ILE A 232 3.40 -0.19 7.05
C ILE A 232 3.94 0.47 5.78
N GLY A 233 4.94 -0.17 5.16
CA GLY A 233 5.57 0.36 3.95
C GLY A 233 5.91 1.84 4.05
N ALA A 234 6.70 2.21 5.06
CA ALA A 234 6.98 3.60 5.34
C ALA A 234 7.61 4.30 4.12
N ASP A 235 8.72 3.78 3.61
CA ASP A 235 9.29 4.42 2.41
C ASP A 235 8.57 4.00 1.15
N GLN A 236 8.11 2.75 1.11
CA GLN A 236 7.39 2.25 -0.06
C GLN A 236 6.22 3.15 -0.46
N SER A 237 5.40 3.54 0.51
CA SER A 237 4.21 4.35 0.23
C SER A 237 3.87 5.40 1.29
N SER A 238 3.86 5.00 2.56
CA SER A 238 3.10 5.77 3.54
C SER A 238 3.80 7.08 3.93
N PHE A 239 5.12 7.17 3.81
CA PHE A 239 5.77 8.48 4.00
C PHE A 239 5.18 9.47 2.99
N ALA A 240 5.15 9.10 1.71
CA ALA A 240 4.54 9.93 0.67
C ALA A 240 3.05 10.19 0.92
N THR A 241 2.33 9.18 1.38
CA THR A 241 0.91 9.39 1.70
C THR A 241 0.73 10.49 2.76
N VAL A 242 1.52 10.44 3.82
CA VAL A 242 1.50 11.48 4.85
C VAL A 242 1.85 12.83 4.26
N THR A 243 2.89 12.82 3.44
CA THR A 243 3.37 14.03 2.76
C THR A 243 2.26 14.69 1.97
N LEU A 244 1.64 13.93 1.06
CA LEU A 244 0.63 14.54 0.17
C LEU A 244 -0.62 14.99 0.94
N LEU A 245 -1.06 14.21 1.91
CA LEU A 245 -2.17 14.68 2.76
C LEU A 245 -1.77 15.97 3.50
N SER A 246 -0.52 16.07 3.94
CA SER A 246 -0.07 17.24 4.69
C SER A 246 0.10 18.45 3.75
N VAL A 247 0.51 18.19 2.52
CA VAL A 247 0.52 19.20 1.47
C VAL A 247 -0.90 19.75 1.23
N ILE A 248 -1.85 18.84 1.10
CA ILE A 248 -3.26 19.19 0.88
C ILE A 248 -3.79 20.00 2.08
N LYS A 249 -3.50 19.54 3.28
CA LYS A 249 -3.92 20.30 4.45
C LYS A 249 -3.30 21.71 4.45
N SER A 250 -2.04 21.80 4.04
CA SER A 250 -1.37 23.10 4.02
C SER A 250 -1.96 23.99 2.95
N LEU A 251 -2.26 23.42 1.78
CA LEU A 251 -2.86 24.18 0.69
C LEU A 251 -4.30 24.56 1.00
N ALA A 252 -4.96 23.84 1.90
CA ALA A 252 -6.34 24.17 2.27
C ALA A 252 -6.44 25.58 2.87
N ALA A 253 -5.35 26.03 3.47
CA ALA A 253 -5.37 27.31 4.17
C ALA A 253 -4.89 28.49 3.31
N VAL A 254 -4.46 28.25 2.07
CA VAL A 254 -4.02 29.38 1.25
C VAL A 254 -5.14 29.91 0.36
N ASP A 255 -4.96 31.14 -0.12
CA ASP A 255 -5.89 31.74 -1.06
C ASP A 255 -5.61 31.23 -2.46
N ARG A 256 -6.45 30.32 -2.94
CA ARG A 256 -6.23 29.68 -4.23
C ARG A 256 -6.96 30.40 -5.37
N SER A 257 -7.44 31.61 -5.10
CA SER A 257 -8.20 32.34 -6.14
C SER A 257 -7.31 32.72 -7.33
N SER A 258 -6.00 32.73 -7.13
CA SER A 258 -5.08 33.08 -8.23
C SER A 258 -4.78 31.91 -9.17
N TRP A 259 -5.16 30.70 -8.80
CA TRP A 259 -4.84 29.52 -9.60
C TRP A 259 -5.58 29.54 -10.95
N ASN A 260 -4.84 29.39 -12.04
CA ASN A 260 -5.48 29.38 -13.36
C ASN A 260 -5.58 27.96 -13.90
N LYS A 261 -5.16 26.99 -13.10
CA LYS A 261 -5.30 25.57 -13.45
C LYS A 261 -5.98 24.83 -12.32
N GLU A 262 -6.63 23.72 -12.66
CA GLU A 262 -7.21 22.87 -11.64
C GLU A 262 -6.14 21.93 -11.09
N VAL A 263 -6.20 21.63 -9.81
CA VAL A 263 -5.33 20.60 -9.26
C VAL A 263 -6.18 19.45 -8.76
N VAL A 264 -5.84 18.24 -9.22
CA VAL A 264 -6.48 17.02 -8.75
C VAL A 264 -5.45 16.16 -8.02
N PHE A 265 -5.79 15.76 -6.80
CA PHE A 265 -4.92 14.89 -6.02
C PHE A 265 -5.46 13.48 -6.13
N ALA A 266 -4.60 12.51 -6.43
CA ALA A 266 -5.10 11.13 -6.52
C ALA A 266 -4.27 10.16 -5.69
N PHE A 267 -4.97 9.34 -4.90
CA PHE A 267 -4.36 8.30 -4.09
C PHE A 267 -4.76 6.95 -4.65
N TRP A 268 -3.88 6.31 -5.43
CA TRP A 268 -4.23 5.08 -6.17
C TRP A 268 -4.09 3.87 -5.28
N ASN A 269 -5.09 2.99 -5.31
CA ASN A 269 -5.04 1.77 -4.51
C ASN A 269 -4.70 0.57 -5.40
N ALA A 270 -4.17 -0.48 -4.77
CA ALA A 270 -3.82 -1.75 -5.42
C ALA A 270 -2.82 -1.59 -6.57
N GLU A 271 -2.02 -0.53 -6.53
CA GLU A 271 -0.98 -0.33 -7.53
C GLU A 271 0.13 -1.36 -7.45
N ARG A 272 0.37 -1.90 -6.25
CA ARG A 272 1.46 -2.87 -6.10
C ARG A 272 1.10 -4.19 -6.76
N TRP A 273 -0.13 -4.30 -7.26
CA TRP A 273 -0.59 -5.54 -7.86
C TRP A 273 -0.97 -5.29 -9.32
N GLY A 274 -0.02 -4.70 -10.05
CA GLY A 274 -0.19 -4.48 -11.47
C GLY A 274 -0.84 -3.16 -11.86
N TYR A 275 -0.66 -2.13 -11.02
CA TYR A 275 -1.18 -0.79 -11.30
C TYR A 275 -2.68 -0.75 -11.57
N VAL A 276 -3.48 -1.57 -10.90
CA VAL A 276 -4.87 -1.68 -11.35
C VAL A 276 -5.70 -0.46 -11.00
N GLY A 277 -5.31 0.27 -9.96
CA GLY A 277 -6.00 1.50 -9.60
C GLY A 277 -5.87 2.60 -10.64
N SER A 278 -4.64 2.96 -11.00
CA SER A 278 -4.44 3.94 -12.06
C SER A 278 -5.03 3.46 -13.39
N GLU A 279 -4.82 2.18 -13.72
CA GLU A 279 -5.33 1.66 -15.00
C GLU A 279 -6.86 1.71 -15.11
N TYR A 280 -7.56 1.32 -14.04
CA TYR A 280 -9.02 1.30 -14.07
C TYR A 280 -9.56 2.71 -14.23
N PHE A 281 -9.00 3.66 -13.48
CA PHE A 281 -9.45 5.05 -13.56
C PHE A 281 -9.25 5.61 -14.97
N ILE A 282 -8.05 5.41 -15.52
CA ILE A 282 -7.75 5.85 -16.89
C ILE A 282 -8.69 5.21 -17.91
N ASN A 283 -8.91 3.90 -17.77
CA ASN A 283 -9.84 3.21 -18.65
C ASN A 283 -11.23 3.85 -18.61
N ASP A 284 -11.69 4.22 -17.42
CA ASP A 284 -13.00 4.84 -17.30
C ASP A 284 -13.03 6.25 -17.90
N LEU A 285 -11.95 7.00 -17.70
CA LEU A 285 -11.85 8.33 -18.30
C LEU A 285 -11.99 8.29 -19.82
N LEU A 286 -11.41 7.27 -20.44
CA LEU A 286 -11.33 7.20 -21.89
C LEU A 286 -12.50 6.44 -22.52
N ASN A 287 -13.08 5.50 -21.77
CA ASN A 287 -13.98 4.52 -22.36
C ASN A 287 -15.35 4.36 -21.72
N PHE A 288 -15.56 4.90 -20.53
CA PHE A 288 -16.78 4.57 -19.82
C PHE A 288 -18.03 5.12 -20.51
N GLN A 289 -19.03 4.26 -20.65
CA GLN A 289 -20.35 4.69 -21.08
C GLN A 289 -21.40 4.03 -20.18
N CYS A 290 -22.27 4.84 -19.57
CA CYS A 290 -23.31 4.30 -18.72
C CYS A 290 -24.58 4.01 -19.52
N LYS A 291 -25.06 2.78 -19.44
CA LYS A 291 -26.28 2.38 -20.16
C LYS A 291 -27.53 2.66 -19.32
N THR A 292 -27.45 2.43 -18.02
CA THR A 292 -28.58 2.67 -17.12
C THR A 292 -28.17 3.50 -15.90
N TYR A 293 -28.71 4.71 -15.80
CA TYR A 293 -28.45 5.60 -14.68
C TYR A 293 -29.42 5.38 -13.51
N ASN A 294 -29.04 5.82 -12.32
CA ASN A 294 -29.97 5.86 -11.19
C ASN A 294 -30.83 7.13 -11.28
N SER A 295 -31.75 7.28 -10.33
CA SER A 295 -32.72 8.39 -10.34
C SER A 295 -32.13 9.74 -10.72
N ASP A 296 -31.28 10.29 -9.85
CA ASP A 296 -30.68 11.59 -10.12
C ASP A 296 -29.42 11.49 -10.99
N LYS A 297 -29.21 10.33 -11.61
CA LYS A 297 -28.05 10.08 -12.46
C LYS A 297 -26.71 10.33 -11.75
N SER A 298 -26.70 10.20 -10.43
CA SER A 298 -25.46 10.35 -9.66
C SER A 298 -24.68 9.04 -9.67
N LYS A 299 -25.37 7.93 -9.92
CA LYS A 299 -24.74 6.62 -10.02
C LYS A 299 -25.10 5.95 -11.34
N CYS A 300 -24.29 4.98 -11.75
CA CYS A 300 -24.63 4.13 -12.90
C CYS A 300 -25.00 2.74 -12.41
N ILE A 301 -26.17 2.27 -12.83
CA ILE A 301 -26.64 0.94 -12.46
C ILE A 301 -25.92 -0.09 -13.31
N ASP A 302 -25.76 0.24 -14.58
CA ASP A 302 -25.18 -0.69 -15.54
C ASP A 302 -24.34 0.02 -16.60
N PRO A 303 -23.00 -0.20 -16.59
CA PRO A 303 -22.28 -0.98 -15.59
C PRO A 303 -22.20 -0.23 -14.27
N PRO A 304 -22.08 -0.96 -13.15
CA PRO A 304 -22.15 -0.30 -11.84
C PRO A 304 -20.97 0.61 -11.55
N ARG A 305 -21.29 1.87 -11.24
CA ARG A 305 -20.36 2.83 -10.66
C ARG A 305 -21.09 3.61 -9.57
N ALA A 306 -20.50 3.65 -8.39
CA ALA A 306 -21.16 4.28 -7.26
C ALA A 306 -21.07 5.82 -7.30
N ASP A 307 -20.28 6.35 -8.22
CA ASP A 307 -20.03 7.79 -8.26
C ASP A 307 -19.57 8.20 -9.67
N LEU A 308 -20.30 9.11 -10.30
CA LEU A 308 -20.04 9.47 -11.70
C LEU A 308 -19.30 10.80 -11.87
N ALA A 309 -18.77 11.34 -10.76
CA ALA A 309 -18.07 12.63 -10.82
C ALA A 309 -16.94 12.62 -11.84
N PHE A 310 -16.24 11.49 -11.92
CA PHE A 310 -15.12 11.35 -12.85
C PHE A 310 -15.56 11.60 -14.29
N GLN A 311 -16.76 11.14 -14.63
CA GLN A 311 -17.28 11.29 -15.99
C GLN A 311 -17.73 12.72 -16.20
N THR A 312 -18.38 13.26 -15.18
CA THR A 312 -18.92 14.61 -15.24
C THR A 312 -17.84 15.69 -15.34
N GLN A 313 -16.72 15.48 -14.65
CA GLN A 313 -15.77 16.57 -14.44
C GLN A 313 -14.38 16.40 -15.03
N ILE A 314 -13.95 15.18 -15.25
CA ILE A 314 -12.56 14.97 -15.62
C ILE A 314 -12.45 14.57 -17.09
N ASN A 315 -11.79 15.41 -17.86
CA ASN A 315 -11.44 15.14 -19.25
C ASN A 315 -9.99 14.72 -19.32
N PHE A 316 -9.74 13.49 -19.72
CA PHE A 316 -8.39 12.97 -19.75
C PHE A 316 -7.43 13.90 -20.46
N THR A 317 -7.87 14.43 -21.57
CA THR A 317 -7.00 15.25 -22.38
C THR A 317 -6.67 16.59 -21.77
N LYS A 318 -7.45 17.04 -20.80
CA LYS A 318 -7.12 18.24 -20.05
C LYS A 318 -6.03 18.06 -19.01
N ILE A 319 -5.67 16.83 -18.69
CA ILE A 319 -4.54 16.60 -17.78
C ILE A 319 -3.26 17.06 -18.49
N SER A 320 -2.60 18.06 -17.93
CA SER A 320 -1.53 18.76 -18.64
C SER A 320 -0.18 18.63 -17.94
N THR A 321 -0.19 18.04 -16.74
CA THR A 321 1.03 17.82 -15.96
C THR A 321 0.77 16.73 -14.94
N ILE A 322 1.69 15.77 -14.84
CA ILE A 322 1.56 14.74 -13.81
C ILE A 322 2.76 14.77 -12.88
N ILE A 323 2.49 14.92 -11.58
CA ILE A 323 3.52 14.80 -10.56
C ILE A 323 3.23 13.54 -9.70
N GLU A 324 4.20 12.65 -9.58
CA GLU A 324 4.03 11.45 -8.77
C GLU A 324 5.07 11.40 -7.65
N LEU A 325 4.61 11.09 -6.45
CA LEU A 325 5.50 10.81 -5.33
C LEU A 325 5.70 9.29 -5.25
N ASN A 326 6.95 8.84 -5.27
CA ASN A 326 7.18 7.40 -5.26
C ASN A 326 8.47 7.03 -4.56
N GLN A 327 8.33 6.78 -3.25
CA GLN A 327 9.41 6.58 -2.26
C GLN A 327 10.26 7.84 -2.06
N ILE A 328 9.85 8.67 -1.09
CA ILE A 328 10.52 9.96 -0.89
C ILE A 328 10.97 10.20 0.55
N GLY A 329 10.96 9.13 1.35
CA GLY A 329 11.24 9.22 2.77
C GLY A 329 12.66 8.84 3.18
N ARG A 330 13.46 8.45 2.20
CA ARG A 330 14.87 8.19 2.47
C ARG A 330 15.78 8.97 1.56
N ALA A 331 15.53 10.27 1.44
CA ALA A 331 16.43 11.12 0.67
C ALA A 331 17.87 10.89 1.15
N GLN A 332 18.80 10.89 0.20
CA GLN A 332 20.22 10.58 0.43
C GLN A 332 21.06 11.79 0.79
N LEU A 333 21.83 11.71 1.85
CA LEU A 333 22.70 12.80 2.24
C LEU A 333 23.80 13.05 1.21
N ASP A 334 23.90 14.29 0.73
CA ASP A 334 25.00 14.70 -0.15
C ASP A 334 26.02 15.43 0.72
N LYS A 335 27.22 14.86 0.84
CA LYS A 335 28.24 15.46 1.72
C LYS A 335 28.71 16.83 1.24
N ASN A 336 28.66 17.05 -0.07
CA ASN A 336 29.00 18.35 -0.64
C ASN A 336 28.08 19.45 -0.14
N LEU A 337 26.80 19.32 -0.49
CA LEU A 337 25.83 20.37 -0.28
C LEU A 337 25.31 20.41 1.15
N GLY A 338 25.54 19.34 1.90
CA GLY A 338 24.98 19.23 3.24
C GLY A 338 23.47 19.17 3.17
N LYS A 339 22.97 18.54 2.11
CA LYS A 339 21.54 18.43 1.86
C LYS A 339 21.20 17.00 1.43
N TYR A 340 19.94 16.62 1.60
CA TYR A 340 19.45 15.30 1.22
C TYR A 340 18.88 15.35 -0.20
N SER A 341 19.22 14.37 -1.03
CA SER A 341 18.80 14.38 -2.43
C SER A 341 17.54 13.61 -2.71
N LEU A 342 16.61 14.25 -3.41
CA LEU A 342 15.52 13.53 -4.07
C LEU A 342 15.78 13.58 -5.55
N TYR A 343 15.31 12.56 -6.26
CA TYR A 343 15.66 12.38 -7.67
C TYR A 343 14.44 12.55 -8.55
N LEU A 344 14.63 13.24 -9.66
CA LEU A 344 13.54 13.54 -10.57
C LEU A 344 13.62 12.67 -11.80
N HIS A 345 12.67 11.74 -11.95
CA HIS A 345 12.63 10.88 -13.13
C HIS A 345 11.53 11.39 -14.03
N THR A 346 11.90 11.84 -15.22
CA THR A 346 10.96 12.58 -16.06
C THR A 346 10.59 11.81 -17.33
N ALA A 347 9.40 12.09 -17.84
CA ALA A 347 8.97 11.53 -19.12
C ALA A 347 7.94 12.47 -19.74
N GLY A 348 7.56 12.19 -20.98
CA GLY A 348 6.68 13.10 -21.69
C GLY A 348 7.45 14.28 -22.27
N THR A 349 6.75 15.39 -22.48
CA THR A 349 7.33 16.55 -23.14
C THR A 349 7.38 17.79 -22.24
N LYS A 350 8.35 18.66 -22.53
CA LYS A 350 8.48 19.95 -21.84
C LYS A 350 8.57 19.77 -20.32
N THR A 351 9.45 18.89 -19.88
CA THR A 351 9.56 18.62 -18.45
C THR A 351 10.51 19.57 -17.71
N SER A 352 11.49 20.13 -18.41
CA SER A 352 12.47 20.99 -17.74
C SER A 352 11.79 22.25 -17.19
N SER A 353 10.71 22.69 -17.83
CA SER A 353 9.93 23.82 -17.34
C SER A 353 9.43 23.57 -15.93
N VAL A 354 8.96 22.34 -15.71
CA VAL A 354 8.42 21.90 -14.45
C VAL A 354 9.53 21.62 -13.42
N THR A 355 10.54 20.85 -13.80
CA THR A 355 11.61 20.57 -12.83
C THR A 355 12.41 21.82 -12.44
N ASP A 356 12.50 22.80 -13.34
CA ASP A 356 13.18 24.05 -12.99
C ASP A 356 12.49 24.72 -11.78
N ILE A 357 11.16 24.67 -11.75
CA ILE A 357 10.42 25.27 -10.64
C ILE A 357 10.67 24.50 -9.33
N LEU A 358 10.71 23.18 -9.42
CA LEU A 358 11.06 22.36 -8.25
C LEU A 358 12.41 22.72 -7.67
N ASP A 359 13.43 22.84 -8.55
CA ASP A 359 14.77 23.27 -8.16
C ASP A 359 14.77 24.62 -7.47
N GLN A 360 14.04 25.57 -8.05
CA GLN A 360 13.93 26.91 -7.51
C GLN A 360 13.33 26.90 -6.10
N VAL A 361 12.21 26.21 -5.93
CA VAL A 361 11.56 26.18 -4.62
C VAL A 361 12.50 25.57 -3.59
N ALA A 362 13.17 24.47 -3.95
CA ALA A 362 14.11 23.81 -3.04
C ALA A 362 15.27 24.69 -2.60
N SER A 363 15.61 25.68 -3.43
CA SER A 363 16.72 26.60 -3.16
C SER A 363 16.26 27.92 -2.59
N SER A 364 14.94 28.09 -2.42
CA SER A 364 14.35 29.40 -2.15
C SER A 364 14.52 29.90 -0.71
N TYR A 365 14.91 29.01 0.20
CA TYR A 365 15.08 29.39 1.60
C TYR A 365 16.33 28.75 2.22
N GLU A 366 16.95 29.48 3.12
CA GLU A 366 18.27 29.13 3.66
C GLU A 366 18.26 27.74 4.29
N ASN A 367 17.28 27.47 5.11
CA ASN A 367 17.27 26.26 5.92
C ASN A 367 16.81 24.98 5.18
N SER A 368 16.56 25.03 3.89
CA SER A 368 16.17 23.84 3.14
C SER A 368 17.21 22.72 3.27
N THR A 369 16.75 21.51 3.59
CA THR A 369 17.65 20.36 3.70
C THR A 369 17.49 19.42 2.50
N ILE A 370 16.71 19.87 1.52
CA ILE A 370 16.37 19.08 0.36
C ILE A 370 16.95 19.69 -0.92
N THR A 371 17.53 18.85 -1.76
CA THR A 371 17.97 19.27 -3.08
C THR A 371 17.50 18.22 -4.10
N PHE A 372 17.31 18.65 -5.34
CA PHE A 372 16.86 17.74 -6.39
C PHE A 372 17.98 17.44 -7.39
N LYS A 373 18.07 16.17 -7.78
CA LYS A 373 19.03 15.73 -8.78
C LYS A 373 18.33 14.98 -9.91
N PRO A 374 18.91 15.06 -11.11
CA PRO A 374 18.38 14.22 -12.19
C PRO A 374 18.78 12.76 -12.01
N THR A 375 17.99 11.86 -12.58
CA THR A 375 18.40 10.47 -12.65
C THR A 375 19.39 10.25 -13.80
N THR A 376 20.15 9.15 -13.73
CA THR A 376 21.06 8.76 -14.81
C THR A 376 20.47 7.61 -15.62
N GLN A 377 19.31 7.14 -15.14
CA GLN A 377 18.66 6.00 -15.76
C GLN A 377 17.81 6.45 -16.93
N THR A 378 17.72 5.60 -17.95
CA THR A 378 16.97 5.94 -19.15
C THR A 378 15.61 5.26 -19.23
N GLU A 379 15.27 4.54 -18.16
CA GLU A 379 13.93 3.99 -17.97
C GLU A 379 13.35 4.55 -16.68
N LEU A 380 12.07 4.92 -16.69
CA LEU A 380 11.39 5.26 -15.44
C LEU A 380 11.38 4.05 -14.50
N PRO A 381 11.42 4.30 -13.18
CA PRO A 381 11.25 3.22 -12.21
C PRO A 381 9.78 2.80 -12.16
N PRO A 382 9.48 1.63 -11.56
CA PRO A 382 8.08 1.23 -11.42
C PRO A 382 7.26 2.35 -10.79
N SER A 383 6.24 2.82 -11.49
CA SER A 383 5.48 3.97 -11.03
C SER A 383 4.12 4.02 -11.70
N SER A 384 3.17 4.64 -11.02
CA SER A 384 1.81 4.79 -11.49
C SER A 384 1.71 5.64 -12.75
N SER A 385 2.70 6.52 -12.93
CA SER A 385 2.78 7.35 -14.13
C SER A 385 2.87 6.49 -15.39
N MET A 386 3.43 5.30 -15.26
CA MET A 386 3.48 4.37 -16.37
C MET A 386 2.11 4.10 -16.99
N SER A 387 1.06 4.11 -16.18
CA SER A 387 -0.28 3.87 -16.72
C SER A 387 -0.71 4.99 -17.64
N PHE A 388 -0.35 6.23 -17.29
CA PHE A 388 -0.70 7.36 -18.14
C PHE A 388 0.17 7.42 -19.39
N LEU A 389 1.45 7.08 -19.26
CA LEU A 389 2.37 7.14 -20.41
C LEU A 389 2.07 6.11 -21.49
N LYS A 390 1.31 5.08 -21.13
CA LYS A 390 0.81 4.13 -22.12
C LYS A 390 -0.21 4.79 -23.03
N LYS A 391 -0.82 5.86 -22.55
CA LYS A 391 -1.88 6.53 -23.30
C LYS A 391 -1.40 7.82 -23.96
N THR A 392 -0.54 8.56 -23.29
CA THR A 392 -0.06 9.82 -23.85
C THR A 392 1.40 10.11 -23.53
N ASN A 393 2.07 10.76 -24.47
CA ASN A 393 3.44 11.25 -24.28
C ASN A 393 3.48 12.76 -24.41
N LYS A 394 2.30 13.38 -24.44
CA LYS A 394 2.13 14.79 -24.79
C LYS A 394 2.34 15.77 -23.63
N ILE A 395 2.48 15.24 -22.42
CA ILE A 395 2.51 16.10 -21.24
C ILE A 395 3.68 15.78 -20.32
N PRO A 396 4.14 16.78 -19.55
CA PRO A 396 5.27 16.54 -18.66
C PRO A 396 4.90 15.63 -17.48
N VAL A 397 5.72 14.62 -17.25
CA VAL A 397 5.55 13.69 -16.16
C VAL A 397 6.81 13.72 -15.30
N VAL A 398 6.64 13.94 -14.01
CA VAL A 398 7.76 13.97 -13.08
C VAL A 398 7.49 13.01 -11.95
N VAL A 399 8.30 11.96 -11.89
CA VAL A 399 8.25 11.03 -10.79
C VAL A 399 9.35 11.39 -9.79
N ILE A 400 8.96 11.73 -8.57
CA ILE A 400 9.91 12.11 -7.54
C ILE A 400 10.22 10.92 -6.62
N THR A 401 11.50 10.54 -6.51
CA THR A 401 11.90 9.42 -5.67
C THR A 401 13.14 9.77 -4.86
N ASP A 402 13.55 8.84 -4.00
CA ASP A 402 14.75 9.03 -3.19
C ASP A 402 15.94 8.23 -3.71
N HIS A 403 15.90 7.84 -4.98
CA HIS A 403 16.98 7.06 -5.56
C HIS A 403 17.22 7.41 -7.02
N ASP A 404 18.48 7.32 -7.43
CA ASP A 404 18.83 7.46 -8.85
C ASP A 404 18.48 6.16 -9.55
N TYR A 405 19.24 5.10 -9.25
CA TYR A 405 18.91 3.78 -9.79
C TYR A 405 18.40 2.85 -8.66
N LYS A 406 19.28 2.02 -8.10
CA LYS A 406 18.93 1.10 -7.01
C LYS A 406 18.14 1.79 -5.89
N TYR A 407 17.02 1.19 -5.49
CA TYR A 407 16.19 1.73 -4.39
C TYR A 407 17.01 2.13 -3.18
N SER A 408 16.71 3.27 -2.59
CA SER A 408 17.29 3.62 -1.30
C SER A 408 16.63 2.81 -0.16
N ASN A 409 15.35 2.52 -0.30
CA ASN A 409 14.62 1.62 0.60
C ASN A 409 15.30 0.25 0.73
N PRO A 410 15.89 -0.04 1.91
CA PRO A 410 16.57 -1.33 2.10
C PRO A 410 15.62 -2.44 2.55
N TYR A 411 14.35 -2.12 2.75
CA TYR A 411 13.37 -3.10 3.21
C TYR A 411 12.10 -3.04 2.37
N TYR A 412 12.26 -3.00 1.05
CA TYR A 412 11.10 -2.85 0.19
C TYR A 412 10.14 -4.05 0.30
N GLY A 413 8.87 -3.78 0.58
CA GLY A 413 7.86 -4.83 0.64
C GLY A 413 8.03 -5.73 1.85
N TYR A 414 8.40 -5.12 2.97
CA TYR A 414 8.78 -5.90 4.15
C TYR A 414 8.43 -5.14 5.44
N GLU A 415 8.13 -5.90 6.50
CA GLU A 415 7.69 -5.33 7.79
C GLU A 415 8.65 -4.31 8.39
N GLN A 416 9.94 -4.46 8.11
CA GLN A 416 10.93 -3.53 8.65
C GLN A 416 10.98 -2.19 7.91
N ASP A 417 10.12 -2.01 6.90
CA ASP A 417 9.96 -0.72 6.27
C ASP A 417 9.02 0.11 7.15
N ASP A 418 9.55 0.58 8.27
CA ASP A 418 8.74 1.19 9.32
C ASP A 418 9.26 2.60 9.66
N ASN A 419 8.85 3.15 10.81
CA ASN A 419 9.17 4.56 11.10
C ASN A 419 10.67 4.78 11.22
N GLU A 420 11.41 3.74 11.56
CA GLU A 420 12.87 3.84 11.67
C GLU A 420 13.57 3.69 10.32
N ASN A 421 12.80 3.41 9.28
CA ASN A 421 13.36 3.25 7.95
C ASN A 421 13.26 4.53 7.12
N VAL A 422 12.64 5.58 7.69
CA VAL A 422 12.48 6.82 6.93
C VAL A 422 12.99 8.01 7.73
N LEU A 423 13.20 9.14 7.05
CA LEU A 423 13.77 10.32 7.67
C LEU A 423 12.71 11.36 8.04
N GLY A 424 12.09 11.19 9.21
CA GLY A 424 11.12 12.15 9.69
C GLY A 424 11.63 13.58 9.65
N SER A 425 12.93 13.78 9.84
CA SER A 425 13.50 15.11 9.83
C SER A 425 13.40 15.83 8.47
N THR A 426 13.12 15.10 7.40
CA THR A 426 12.96 15.73 6.09
C THR A 426 11.51 16.07 5.74
N LEU A 427 10.56 15.59 6.54
CA LEU A 427 9.16 15.71 6.16
C LEU A 427 8.66 17.16 6.02
N ASN A 428 8.97 18.01 6.99
CA ASN A 428 8.53 19.41 6.93
C ASN A 428 8.99 20.11 5.65
N ASP A 429 10.28 19.97 5.36
CA ASP A 429 10.88 20.52 4.14
C ASP A 429 10.20 20.00 2.88
N ILE A 430 9.97 18.69 2.80
CA ILE A 430 9.33 18.13 1.62
C ILE A 430 7.89 18.64 1.48
N VAL A 431 7.14 18.71 2.59
CA VAL A 431 5.78 19.25 2.52
C VAL A 431 5.81 20.72 2.08
N TYR A 432 6.70 21.50 2.68
CA TYR A 432 6.81 22.90 2.28
C TYR A 432 7.17 23.07 0.82
N ILE A 433 8.20 22.34 0.37
CA ILE A 433 8.65 22.48 -1.00
C ILE A 433 7.55 22.03 -1.97
N LEU A 434 6.91 20.88 -1.70
CA LEU A 434 5.88 20.40 -2.63
C LEU A 434 4.64 21.30 -2.64
N SER A 435 4.26 21.82 -1.47
CA SER A 435 3.11 22.72 -1.38
C SER A 435 3.35 23.99 -2.19
N THR A 436 4.53 24.58 -2.02
CA THR A 436 4.89 25.81 -2.71
C THR A 436 5.00 25.57 -4.22
N PHE A 437 5.57 24.42 -4.59
CA PHE A 437 5.74 24.02 -5.97
C PHE A 437 4.38 23.90 -6.66
N ILE A 438 3.47 23.14 -6.05
CA ILE A 438 2.14 22.97 -6.61
C ILE A 438 1.42 24.30 -6.74
N ASP A 439 1.51 25.14 -5.73
CA ASP A 439 0.92 26.48 -5.78
C ASP A 439 1.49 27.29 -6.95
N ARG A 440 2.80 27.23 -7.16
CA ARG A 440 3.41 27.98 -8.26
C ARG A 440 2.95 27.46 -9.62
N ILE A 441 2.98 26.15 -9.85
CA ILE A 441 2.60 25.68 -11.18
C ILE A 441 1.09 25.73 -11.39
N ALA A 442 0.33 25.89 -10.32
CA ALA A 442 -1.12 26.09 -10.47
C ALA A 442 -1.43 27.56 -10.78
N GLY A 443 -0.39 28.39 -10.75
CA GLY A 443 -0.55 29.80 -11.09
C GLY A 443 -0.59 30.76 -9.92
N GLY A 444 -0.30 30.27 -8.72
CA GLY A 444 -0.35 31.11 -7.54
C GLY A 444 1.01 31.68 -7.17
N ASN A 445 1.04 32.58 -6.18
CA ASN A 445 2.29 33.04 -5.60
C ASN A 445 2.17 33.17 -4.08
N ASN A 446 1.43 32.24 -3.48
CA ASN A 446 1.18 32.30 -2.04
C ASN A 446 2.40 31.97 -1.18
N ASN A 447 2.46 32.59 -0.01
CA ASN A 447 3.39 32.19 1.02
C ASN A 447 2.79 31.01 1.77
N ILE A 448 3.42 29.84 1.66
CA ILE A 448 2.91 28.64 2.30
C ILE A 448 3.34 28.53 3.76
N THR A 449 2.38 28.31 4.65
CA THR A 449 2.69 27.88 6.01
C THR A 449 2.28 26.42 6.13
N ILE A 450 3.23 25.52 6.40
CA ILE A 450 2.82 24.11 6.53
C ILE A 450 2.07 23.89 7.85
N ASP A 451 1.16 22.93 7.84
CA ASP A 451 0.37 22.67 9.04
C ASP A 451 1.11 21.64 9.88
N LYS A 452 1.94 22.14 10.80
CA LYS A 452 2.80 21.27 11.59
C LYS A 452 2.01 20.44 12.59
N ASN A 453 0.91 21.01 13.12
CA ASN A 453 0.08 20.24 14.05
C ASN A 453 -0.45 18.99 13.36
N PHE A 454 -0.95 19.15 12.14
CA PHE A 454 -1.46 18.04 11.34
C PHE A 454 -0.36 17.02 10.98
N ILE A 455 0.79 17.51 10.54
CA ILE A 455 1.95 16.65 10.21
C ILE A 455 2.33 15.78 11.42
N ASN A 456 2.41 16.41 12.59
CA ASN A 456 2.86 15.71 13.79
C ASN A 456 1.86 14.66 14.29
N ILE A 457 0.61 14.79 13.92
CA ILE A 457 -0.38 13.76 14.23
C ILE A 457 -0.36 12.64 13.19
N LEU A 458 -0.38 13.04 11.91
CA LEU A 458 -0.54 12.06 10.84
C LEU A 458 0.68 11.18 10.63
N TYR A 459 1.88 11.74 10.78
CA TYR A 459 3.10 10.98 10.50
C TYR A 459 3.22 9.71 11.37
N PRO A 460 3.19 9.85 12.71
CA PRO A 460 3.18 8.61 13.50
C PRO A 460 1.93 7.77 13.30
N CYS A 461 0.81 8.40 12.96
CA CYS A 461 -0.42 7.66 12.70
C CYS A 461 -0.26 6.65 11.53
N PHE A 462 0.41 7.06 10.45
CA PHE A 462 0.55 6.16 9.31
C PHE A 462 1.86 5.37 9.29
N THR A 463 2.81 5.68 10.18
CA THR A 463 4.07 4.93 10.16
C THR A 463 4.35 4.14 11.43
N SER A 464 3.51 4.31 12.46
CA SER A 464 3.69 3.61 13.74
C SER A 464 2.44 3.02 14.35
N SER A 465 1.39 3.83 14.50
CA SER A 465 0.20 3.43 15.26
C SER A 465 -1.00 4.22 14.79
N ILE A 466 -1.93 3.55 14.13
CA ILE A 466 -2.96 4.23 13.35
C ILE A 466 -4.19 4.58 14.22
N THR A 467 -3.96 5.41 15.22
CA THR A 467 -5.00 5.77 16.17
C THR A 467 -5.56 7.20 15.97
N CYS A 468 -5.06 7.90 14.95
CA CYS A 468 -5.42 9.30 14.75
C CYS A 468 -6.76 9.48 14.03
N PHE A 469 -7.39 10.62 14.27
CA PHE A 469 -8.60 11.06 13.57
C PHE A 469 -9.73 10.05 13.61
N ASN A 470 -9.82 9.28 14.68
CA ASN A 470 -10.87 8.30 14.77
C ASN A 470 -12.24 9.00 14.92
N ILE A 471 -12.23 10.28 15.29
CA ILE A 471 -13.46 11.08 15.37
C ILE A 471 -14.15 11.14 14.00
N LEU A 472 -13.39 10.91 12.93
CA LEU A 472 -13.95 10.91 11.58
C LEU A 472 -14.53 9.54 11.22
N MET A 473 -14.26 8.52 12.04
CA MET A 473 -14.64 7.15 11.73
C MET A 473 -15.85 6.63 12.53
N LYS A 474 -16.46 5.57 12.00
CA LYS A 474 -17.59 4.92 12.66
C LYS A 474 -17.15 3.67 13.44
N THR A 475 -15.90 3.27 13.25
CA THR A 475 -15.37 2.07 13.91
C THR A 475 -13.97 2.36 14.44
N TYR A 476 -13.49 1.52 15.35
CA TYR A 476 -12.10 1.55 15.78
C TYR A 476 -11.33 0.44 15.04
N PRO A 477 -10.08 0.71 14.61
CA PRO A 477 -9.37 -0.35 13.87
C PRO A 477 -9.01 -1.57 14.72
N LEU A 478 -9.21 -2.77 14.20
CA LEU A 478 -8.84 -4.01 14.90
C LEU A 478 -7.32 -4.13 15.09
N ASN A 479 -6.58 -3.64 14.11
CA ASN A 479 -5.13 -3.70 14.11
C ASN A 479 -4.56 -2.28 14.15
N GLU A 480 -3.82 -1.94 15.20
CA GLU A 480 -3.29 -0.58 15.33
C GLU A 480 -1.99 -0.42 14.59
N VAL A 481 -1.43 -1.51 14.08
CA VAL A 481 -0.28 -1.35 13.17
C VAL A 481 -0.81 -0.83 11.86
N PRO A 482 -0.30 0.32 11.39
CA PRO A 482 -0.77 0.77 10.09
C PRO A 482 -0.43 -0.27 9.04
N ASN A 483 -1.40 -0.69 8.23
CA ASN A 483 -1.10 -1.62 7.14
C ASN A 483 -1.92 -1.28 5.91
N PHE A 484 -1.23 -1.08 4.78
CA PHE A 484 -1.87 -0.53 3.59
C PHE A 484 -1.94 -1.53 2.43
N TYR A 485 -1.78 -2.81 2.72
CA TYR A 485 -2.06 -3.83 1.70
C TYR A 485 -3.51 -3.65 1.28
N SER A 486 -3.77 -3.66 -0.03
CA SER A 486 -5.09 -3.34 -0.55
C SER A 486 -6.19 -4.32 -0.11
N SER A 487 -5.78 -5.55 0.19
CA SER A 487 -6.73 -6.64 0.46
C SER A 487 -7.60 -6.86 -0.78
N VAL A 488 -8.83 -7.35 -0.59
CA VAL A 488 -9.64 -7.78 -1.72
C VAL A 488 -10.69 -6.74 -2.13
N PHE A 489 -11.00 -6.74 -3.42
CA PHE A 489 -11.88 -5.73 -3.98
C PHE A 489 -13.30 -5.82 -3.44
N GLY A 490 -13.80 -7.04 -3.31
CA GLY A 490 -15.19 -7.26 -2.94
C GLY A 490 -15.69 -8.55 -3.56
N THR A 491 -16.96 -8.89 -3.32
CA THR A 491 -17.52 -10.12 -3.86
C THR A 491 -18.17 -9.92 -5.23
N SER A 492 -18.41 -8.67 -5.59
CA SER A 492 -18.93 -8.31 -6.91
C SER A 492 -18.68 -6.83 -7.17
N LEU A 493 -19.10 -6.35 -8.33
CA LEU A 493 -18.96 -4.92 -8.64
C LEU A 493 -19.93 -4.06 -7.83
N THR A 494 -20.91 -4.70 -7.20
CA THR A 494 -21.90 -3.97 -6.42
C THR A 494 -21.74 -4.24 -4.92
N THR A 495 -20.73 -5.02 -4.56
CA THR A 495 -20.48 -5.29 -3.15
C THR A 495 -19.02 -5.04 -2.82
N THR A 496 -18.61 -3.77 -2.89
CA THR A 496 -17.22 -3.40 -2.68
C THR A 496 -16.83 -3.43 -1.20
N LEU A 497 -15.55 -3.68 -0.96
CA LEU A 497 -15.02 -3.78 0.41
C LEU A 497 -13.82 -2.86 0.54
N SER A 498 -13.64 -2.28 1.74
CA SER A 498 -12.45 -1.48 2.01
C SER A 498 -11.99 -1.62 3.46
N PRO A 499 -10.69 -1.81 3.65
CA PRO A 499 -10.13 -1.83 5.01
C PRO A 499 -10.16 -0.45 5.66
N TYR A 500 -9.91 -0.42 6.96
CA TYR A 500 -9.93 0.80 7.75
C TYR A 500 -9.07 1.88 7.14
N GLU A 501 -7.88 1.49 6.71
CA GLU A 501 -6.90 2.43 6.15
C GLU A 501 -7.44 3.22 4.96
N THR A 502 -8.14 2.55 4.04
CA THR A 502 -8.76 3.23 2.90
C THR A 502 -9.89 4.15 3.32
N LYS A 503 -10.77 3.68 4.20
CA LYS A 503 -11.86 4.52 4.70
C LYS A 503 -11.33 5.76 5.42
N LEU A 504 -10.29 5.58 6.23
CA LEU A 504 -9.68 6.72 6.93
C LEU A 504 -9.09 7.74 5.94
N ILE A 505 -8.30 7.28 4.98
CA ILE A 505 -7.75 8.19 3.98
C ILE A 505 -8.89 8.92 3.26
N HIS A 506 -9.93 8.18 2.88
CA HIS A 506 -11.09 8.79 2.21
C HIS A 506 -11.75 9.88 3.09
N ARG A 507 -12.10 9.53 4.32
CA ARG A 507 -12.83 10.47 5.17
C ARG A 507 -11.97 11.68 5.56
N LEU A 508 -10.67 11.45 5.74
CA LEU A 508 -9.76 12.54 6.07
C LEU A 508 -9.55 13.48 4.87
N LEU A 509 -9.30 12.92 3.70
CA LEU A 509 -9.13 13.73 2.47
C LEU A 509 -10.39 14.51 2.16
N TYR A 510 -11.53 13.85 2.26
CA TYR A 510 -12.83 14.48 2.04
C TYR A 510 -12.98 15.69 2.96
N SER A 511 -12.66 15.51 4.24
CA SER A 511 -12.80 16.57 5.22
C SER A 511 -11.85 17.74 4.97
N ILE A 512 -10.58 17.45 4.68
CA ILE A 512 -9.59 18.53 4.54
C ILE A 512 -9.92 19.43 3.35
N THR A 513 -10.52 18.84 2.33
CA THR A 513 -10.79 19.56 1.10
C THR A 513 -12.23 20.09 1.01
N GLN A 514 -12.97 20.02 2.11
CA GLN A 514 -14.37 20.45 2.10
C GLN A 514 -14.52 21.92 1.69
N TYR A 515 -15.64 22.24 1.03
CA TYR A 515 -15.96 23.63 0.74
C TYR A 515 -17.22 24.10 1.49
N ASN A 516 -17.96 23.18 2.10
CA ASN A 516 -19.14 23.57 2.87
C ASN A 516 -19.45 22.54 3.95
N SER A 517 -20.08 23.01 5.03
CA SER A 517 -20.47 22.17 6.14
C SER A 517 -21.65 22.81 6.84
N THR A 518 -22.72 22.04 7.04
CA THR A 518 -23.97 22.57 7.57
C THR A 518 -24.45 21.72 8.73
N LEU A 519 -24.85 22.37 9.82
CA LEU A 519 -25.39 21.67 10.98
C LEU A 519 -26.78 21.10 10.67
N THR A 520 -26.92 19.77 10.68
CA THR A 520 -28.18 19.14 10.31
C THR A 520 -28.62 18.08 11.31
N ASN A 521 -27.73 17.75 12.24
CA ASN A 521 -27.92 16.63 13.13
C ASN A 521 -28.07 15.30 12.38
N CYS A 522 -27.41 15.19 11.22
CA CYS A 522 -27.40 13.92 10.50
C CYS A 522 -26.77 12.82 11.35
N THR A 523 -27.23 11.57 11.18
CA THR A 523 -26.60 10.44 11.88
C THR A 523 -26.04 9.40 10.89
N SER A 524 -26.18 9.65 9.60
CA SER A 524 -25.54 8.78 8.62
C SER A 524 -25.41 9.54 7.31
N ASP A 525 -24.53 9.07 6.42
CA ASP A 525 -24.31 9.75 5.16
C ASP A 525 -25.59 9.87 4.32
N ASN A 526 -26.49 8.89 4.44
CA ASN A 526 -27.72 8.93 3.66
C ASN A 526 -28.67 10.05 4.09
N ASP A 527 -28.42 10.65 5.25
CA ASP A 527 -29.18 11.82 5.69
C ASP A 527 -28.77 13.09 4.95
N CYS A 528 -27.62 13.02 4.29
CA CYS A 528 -27.01 14.21 3.68
C CYS A 528 -27.10 14.20 2.15
N PRO A 529 -27.89 15.12 1.58
CA PRO A 529 -27.99 15.21 0.12
C PRO A 529 -26.67 15.62 -0.51
N SER A 530 -26.13 14.79 -1.40
CA SER A 530 -24.88 15.09 -2.11
C SER A 530 -23.76 15.49 -1.16
N SER A 531 -23.71 14.83 -0.01
CA SER A 531 -22.70 15.15 0.99
C SER A 531 -22.57 13.99 1.97
N LEU A 532 -21.64 14.10 2.90
CA LEU A 532 -21.40 13.04 3.87
C LEU A 532 -21.63 13.58 5.27
N CYS A 533 -21.96 12.69 6.19
CA CYS A 533 -22.21 13.08 7.56
C CYS A 533 -20.96 12.96 8.44
N TYR A 534 -20.58 14.06 9.07
CA TYR A 534 -19.51 14.09 10.06
C TYR A 534 -20.05 14.67 11.36
N SER A 535 -20.36 13.80 12.33
CA SER A 535 -20.73 14.25 13.68
C SER A 535 -21.83 15.32 13.66
N GLY A 536 -22.90 15.07 12.91
CA GLY A 536 -24.03 15.99 12.84
C GLY A 536 -23.92 17.11 11.81
N GLN A 537 -22.79 17.17 11.11
CA GLN A 537 -22.64 18.10 10.00
C GLN A 537 -22.77 17.37 8.67
N CYS A 538 -23.51 17.96 7.73
CA CYS A 538 -23.44 17.53 6.33
C CYS A 538 -22.30 18.29 5.67
N VAL A 539 -21.29 17.56 5.20
CA VAL A 539 -20.06 18.18 4.71
C VAL A 539 -19.95 17.94 3.21
N SER A 540 -19.64 19.00 2.48
CA SER A 540 -19.55 18.92 1.02
C SER A 540 -18.11 19.00 0.58
N SER A 541 -17.69 18.07 -0.25
CA SER A 541 -16.32 18.03 -0.79
C SER A 541 -16.30 17.30 -2.13
N ASN A 542 -15.49 17.81 -3.04
CA ASN A 542 -15.29 17.19 -4.36
C ASN A 542 -14.26 16.07 -4.28
N THR A 543 -14.57 15.06 -3.46
CA THR A 543 -13.69 13.94 -3.16
C THR A 543 -14.44 12.65 -3.40
N HIS A 544 -13.79 11.67 -4.05
CA HIS A 544 -14.52 10.54 -4.62
C HIS A 544 -13.73 9.25 -4.59
N LEU A 545 -14.42 8.16 -4.27
CA LEU A 545 -13.86 6.84 -4.41
C LEU A 545 -13.91 6.36 -5.86
N HIS A 546 -12.94 5.54 -6.26
CA HIS A 546 -13.02 4.86 -7.55
C HIS A 546 -12.47 3.43 -7.47
N ASN A 547 -13.16 2.49 -8.14
CA ASN A 547 -12.72 1.10 -8.22
C ASN A 547 -11.26 0.95 -8.63
N ALA A 548 -10.54 0.08 -7.93
CA ALA A 548 -9.20 -0.32 -8.31
C ALA A 548 -9.20 -1.84 -8.44
N LEU A 549 -9.23 -2.30 -9.68
CA LEU A 549 -9.52 -3.69 -10.02
C LEU A 549 -8.97 -4.00 -11.39
N SER A 550 -8.35 -5.16 -11.52
CA SER A 550 -7.77 -5.58 -12.79
C SER A 550 -8.81 -5.58 -13.89
N LEU A 551 -8.43 -5.14 -15.08
CA LEU A 551 -9.33 -5.20 -16.22
C LEU A 551 -9.49 -6.64 -16.74
N GLY A 552 -8.68 -7.56 -16.18
CA GLY A 552 -8.73 -8.94 -16.59
C GLY A 552 -9.90 -9.72 -16.04
N PHE A 553 -10.62 -9.12 -15.08
CA PHE A 553 -11.76 -9.76 -14.42
C PHE A 553 -13.07 -9.22 -14.95
N ASP A 554 -14.11 -10.05 -14.88
CA ASP A 554 -15.48 -9.62 -15.09
C ASP A 554 -16.38 -10.38 -14.11
N PHE A 555 -17.51 -9.79 -13.73
CA PHE A 555 -18.42 -10.47 -12.84
C PHE A 555 -19.63 -11.04 -13.58
N ASP A 556 -19.76 -12.35 -13.55
CA ASP A 556 -20.90 -13.04 -14.15
C ASP A 556 -22.06 -13.10 -13.16
N THR A 557 -23.10 -12.33 -13.40
CA THR A 557 -24.26 -12.33 -12.49
C THR A 557 -25.09 -13.59 -12.63
N SER A 558 -24.85 -14.36 -13.70
CA SER A 558 -25.50 -15.66 -13.89
C SER A 558 -25.04 -16.66 -12.84
N LYS A 559 -23.80 -17.13 -12.97
CA LYS A 559 -23.21 -18.05 -12.00
C LYS A 559 -22.85 -17.35 -10.68
N ASN A 560 -23.10 -16.05 -10.62
CA ASN A 560 -22.74 -15.21 -9.48
C ASN A 560 -21.29 -15.42 -9.05
N VAL A 561 -20.37 -15.21 -9.99
CA VAL A 561 -18.97 -15.52 -9.78
C VAL A 561 -18.06 -14.58 -10.57
N TRP A 562 -16.84 -14.36 -10.07
CA TRP A 562 -15.83 -13.64 -10.84
C TRP A 562 -15.33 -14.54 -11.97
N LYS A 563 -15.07 -13.96 -13.15
CA LYS A 563 -14.49 -14.69 -14.28
C LYS A 563 -13.22 -14.00 -14.80
N ILE A 564 -12.21 -14.79 -15.17
CA ILE A 564 -11.04 -14.26 -15.85
C ILE A 564 -11.32 -14.18 -17.36
N VAL A 565 -11.46 -12.96 -17.87
CA VAL A 565 -11.74 -12.77 -19.29
C VAL A 565 -10.50 -12.44 -20.08
N ASN A 566 -9.42 -12.03 -19.42
CA ASN A 566 -8.18 -11.69 -20.11
C ASN A 566 -6.99 -11.77 -19.21
N SER A 567 -6.19 -12.81 -19.35
CA SER A 567 -5.06 -13.05 -18.45
C SER A 567 -3.84 -12.20 -18.76
N SER A 568 -3.93 -11.33 -19.76
CA SER A 568 -2.86 -10.40 -20.05
C SER A 568 -2.78 -9.30 -18.98
N TYR A 569 -3.90 -9.06 -18.32
CA TYR A 569 -3.94 -8.10 -17.20
C TYR A 569 -3.49 -8.80 -15.92
N PRO A 570 -3.17 -8.03 -14.86
CA PRO A 570 -2.70 -8.72 -13.66
C PRO A 570 -3.79 -9.58 -13.03
N ILE A 571 -3.48 -10.84 -12.74
CA ILE A 571 -4.45 -11.73 -12.11
C ILE A 571 -3.97 -12.16 -10.73
N PHE A 572 -4.51 -11.53 -9.70
CA PHE A 572 -4.20 -11.88 -8.32
C PHE A 572 -5.51 -12.04 -7.56
N THR A 573 -5.64 -13.17 -6.87
CA THR A 573 -6.86 -13.45 -6.12
C THR A 573 -6.49 -14.02 -4.76
N GLU A 574 -6.90 -13.33 -3.72
CA GLU A 574 -6.57 -13.75 -2.37
C GLU A 574 -7.54 -14.79 -1.86
N SER A 575 -7.01 -15.85 -1.27
CA SER A 575 -7.83 -16.88 -0.65
C SER A 575 -8.80 -16.31 0.36
N ASN A 576 -10.04 -16.83 0.37
CA ASN A 576 -10.95 -16.64 1.49
C ASN A 576 -10.44 -17.45 2.67
N TRP A 577 -10.77 -17.00 3.88
CA TRP A 577 -10.55 -17.83 5.06
C TRP A 577 -11.56 -17.53 6.16
N ASP A 578 -11.81 -18.51 7.02
CA ASP A 578 -12.78 -18.35 8.11
C ASP A 578 -12.18 -17.63 9.29
N TYR A 579 -11.04 -18.11 9.78
CA TYR A 579 -10.40 -17.51 10.94
C TYR A 579 -8.93 -17.86 11.05
N THR A 580 -8.20 -17.04 11.79
CA THR A 580 -6.77 -17.22 12.03
C THR A 580 -6.50 -17.24 13.53
N ALA A 581 -5.69 -18.19 14.01
CA ALA A 581 -5.38 -18.25 15.44
C ALA A 581 -4.04 -18.90 15.76
N LEU A 582 -3.42 -18.43 16.83
CA LEU A 582 -2.17 -18.97 17.32
C LEU A 582 -2.31 -19.31 18.80
N LYS A 583 -2.09 -20.57 19.13
CA LYS A 583 -2.25 -21.05 20.49
C LYS A 583 -0.98 -21.72 20.97
N VAL A 584 -0.64 -21.48 22.23
CA VAL A 584 0.52 -22.13 22.84
C VAL A 584 0.04 -22.99 24.01
N PHE A 585 0.73 -24.09 24.26
CA PHE A 585 0.30 -25.07 25.25
C PHE A 585 1.49 -25.94 25.63
N LYS A 586 1.38 -26.65 26.75
CA LYS A 586 2.43 -27.61 27.10
C LYS A 586 2.06 -28.99 26.57
N ILE A 587 3.04 -29.67 26.00
CA ILE A 587 2.83 -31.00 25.44
C ILE A 587 2.63 -32.04 26.54
#